data_7LVA
#
_entry.id   7LVA
#
_entity_poly.entity_id   1
_entity_poly.type   'polyribonucleotide'
_entity_poly.pdbx_seq_one_letter_code
;GGCUCUGGUAACUAGAGAUCCCUCAGACCCUUUUAGUCAGUGUGGAAAAUCUCUAGCAGUGGCGCCCGAACAGGGACUUG
AAAGCGAAAGUAAAGCCAGAGCC
;
_entity_poly.pdbx_strand_id   A
#